data_4OKH
#
_entry.id   4OKH
#
_cell.length_a   107.000
_cell.length_b   107.000
_cell.length_c   96.710
_cell.angle_alpha   90.000
_cell.angle_beta   90.000
_cell.angle_gamma   90.000
#
_symmetry.space_group_name_H-M   'P 41 21 2'
#
loop_
_entity.id
_entity.type
_entity.pdbx_description
1 polymer Calpain-3
2 non-polymer 'CALCIUM ION'
3 non-polymer 2,5,8,11,14,17,20,23,26,29,32,35,38,41,44,47,50,53,56,59,62,65,68,71,74,77,80-HEPTACOSAOXADOOCTACONTAN-82-OL
4 water water
#
_entity_poly.entity_id   1
_entity_poly.type   'polypeptide(L)'
_entity_poly.pdbx_seq_one_letter_code
;MGSSDQESEEQQQFRNIFKQIAGDDMEICADELKKVLNTVVNKHKDLKTHGFTLESCRSMIALMDTDGSGKLNLQEFHHL
WNKIKAWQKIFKHYDTDQSGTINSYEMRNAVNDAGFHLNNQLYDIITMRYADKHMNIDFDSFICCFVRLEGMFRAFHAFD
KDGDGIIKLNVLEWLQLTMYALEHHHHHH
;
_entity_poly.pdbx_strand_id   A,B,C
#
loop_
_chem_comp.id
_chem_comp.type
_chem_comp.name
_chem_comp.formula
CA non-polymer 'CALCIUM ION' 'Ca 2'
PEU non-polymer 2,5,8,11,14,17,20,23,26,29,32,35,38,41,44,47,50,53,56,59,62,65,68,71,74,77,80-HEPTACOSAOXADOOCTACONTAN-82-OL 'C55 H112 O28'
#
# COMPACT_ATOMS: atom_id res chain seq x y z
N GLN A 11 -43.10 4.29 -4.05
CA GLN A 11 -42.28 4.85 -2.94
C GLN A 11 -42.81 6.22 -2.52
N GLN A 12 -44.12 6.24 -2.21
CA GLN A 12 -44.88 7.49 -2.11
C GLN A 12 -44.19 8.50 -1.18
N GLN A 13 -44.28 8.25 0.12
CA GLN A 13 -43.67 9.12 1.12
C GLN A 13 -42.30 8.59 1.53
N PHE A 14 -41.90 7.46 0.95
CA PHE A 14 -40.52 7.04 1.06
C PHE A 14 -39.66 8.08 0.33
N ARG A 15 -40.07 8.43 -0.87
CA ARG A 15 -39.48 9.57 -1.57
C ARG A 15 -39.46 10.85 -0.69
N ASN A 16 -40.51 11.05 0.09
CA ASN A 16 -40.63 12.24 0.92
C ASN A 16 -39.75 12.18 2.14
N ILE A 17 -39.60 11.00 2.73
CA ILE A 17 -38.67 10.83 3.85
C ILE A 17 -37.24 11.10 3.38
N PHE A 18 -36.88 10.51 2.24
CA PHE A 18 -35.56 10.75 1.64
C PHE A 18 -35.28 12.26 1.43
N LYS A 19 -36.28 12.97 0.91
CA LYS A 19 -36.14 14.38 0.62
C LYS A 19 -35.90 15.20 1.90
N GLN A 20 -36.61 14.89 2.96
CA GLN A 20 -36.48 15.65 4.20
C GLN A 20 -35.04 15.58 4.70
N ILE A 21 -34.53 14.36 4.90
CA ILE A 21 -33.20 14.24 5.50
C ILE A 21 -32.08 14.54 4.53
N ALA A 22 -32.25 14.20 3.25
CA ALA A 22 -31.16 14.36 2.28
C ALA A 22 -30.69 15.79 2.24
N GLY A 23 -31.61 16.73 2.41
CA GLY A 23 -31.28 18.13 2.33
C GLY A 23 -30.87 18.57 0.94
N ASP A 24 -30.14 19.67 0.88
CA ASP A 24 -29.85 20.42 -0.36
C ASP A 24 -29.09 19.63 -1.44
N ASP A 25 -28.10 18.87 -1.04
CA ASP A 25 -27.39 18.05 -2.01
C ASP A 25 -28.16 16.80 -2.48
N MET A 26 -29.33 16.51 -1.89
CA MET A 26 -30.13 15.33 -2.27
C MET A 26 -29.41 14.00 -2.11
N GLU A 27 -28.42 13.97 -1.22
CA GLU A 27 -27.80 12.72 -0.90
C GLU A 27 -27.66 12.74 0.60
N ILE A 28 -27.48 11.52 1.10
CA ILE A 28 -27.50 11.23 2.51
C ILE A 28 -26.09 10.87 2.99
N CYS A 29 -25.59 11.68 3.90
CA CYS A 29 -24.32 11.39 4.56
C CYS A 29 -24.60 10.58 5.85
N ALA A 30 -23.54 10.20 6.53
CA ALA A 30 -23.63 9.35 7.69
C ALA A 30 -24.56 9.88 8.74
N ASP A 31 -24.56 11.20 8.95
CA ASP A 31 -25.26 11.85 10.04
C ASP A 31 -26.74 11.82 9.80
N GLU A 32 -27.11 12.12 8.55
CA GLU A 32 -28.48 12.10 8.13
C GLU A 32 -29.04 10.67 8.20
N LEU A 33 -28.22 9.68 7.90
CA LEU A 33 -28.64 8.30 7.94
C LEU A 33 -28.97 7.81 9.34
N LYS A 34 -28.05 8.07 10.26
CA LYS A 34 -28.33 7.81 11.67
C LYS A 34 -29.68 8.43 12.08
N LYS A 35 -29.84 9.72 11.86
CA LYS A 35 -31.06 10.41 12.22
C LYS A 35 -32.33 9.75 11.64
N VAL A 36 -32.36 9.53 10.34
CA VAL A 36 -33.48 8.84 9.74
C VAL A 36 -33.63 7.43 10.27
N LEU A 37 -32.54 6.68 10.38
CA LEU A 37 -32.66 5.30 10.87
C LEU A 37 -33.12 5.19 12.32
N ASN A 38 -32.63 6.07 13.19
CA ASN A 38 -33.06 6.06 14.58
C ASN A 38 -34.44 6.69 14.81
N THR A 39 -34.88 7.50 13.87
CA THR A 39 -36.22 8.05 13.94
C THR A 39 -37.28 7.04 13.52
N VAL A 40 -37.00 6.25 12.49
CA VAL A 40 -38.01 5.42 11.84
C VAL A 40 -37.92 3.93 12.18
N VAL A 41 -36.71 3.43 12.47
CA VAL A 41 -36.47 2.06 12.97
C VAL A 41 -36.17 2.19 14.49
N ASN A 42 -37.19 2.03 15.34
CA ASN A 42 -37.18 2.71 16.66
C ASN A 42 -37.61 1.92 17.88
N LYS A 43 -37.32 2.52 19.04
CA LYS A 43 -37.79 2.09 20.37
C LYS A 43 -37.14 2.94 21.46
N THR A 49 -28.21 2.10 23.44
CA THR A 49 -29.20 1.22 24.05
C THR A 49 -29.72 0.21 23.02
N HIS A 50 -30.48 0.70 22.05
CA HIS A 50 -31.01 -0.13 20.96
C HIS A 50 -30.90 0.61 19.60
N GLY A 51 -30.05 1.63 19.54
CA GLY A 51 -29.99 2.53 18.38
C GLY A 51 -28.74 2.39 17.54
N PHE A 52 -28.79 2.92 16.32
CA PHE A 52 -27.69 2.83 15.40
C PHE A 52 -26.60 3.82 15.74
N THR A 53 -25.36 3.36 15.69
CA THR A 53 -24.24 4.19 16.03
C THR A 53 -23.81 4.87 14.73
N LEU A 54 -23.02 5.93 14.84
CA LEU A 54 -22.38 6.51 13.67
C LEU A 54 -21.38 5.51 13.04
N GLU A 55 -20.90 4.55 13.80
CA GLU A 55 -19.96 3.59 13.25
C GLU A 55 -20.72 2.81 12.17
N SER A 56 -21.82 2.20 12.57
CA SER A 56 -22.69 1.51 11.63
C SER A 56 -23.08 2.34 10.37
N CYS A 57 -23.64 3.52 10.57
CA CYS A 57 -24.11 4.29 9.44
C CYS A 57 -22.97 4.62 8.43
N ARG A 58 -21.76 4.84 8.91
CA ARG A 58 -20.63 5.09 8.00
C ARG A 58 -20.29 3.86 7.14
N SER A 59 -20.37 2.69 7.73
CA SER A 59 -20.10 1.49 7.00
C SER A 59 -21.23 1.18 6.05
N MET A 60 -22.45 1.60 6.37
CA MET A 60 -23.53 1.49 5.42
C MET A 60 -23.28 2.40 4.24
N ILE A 61 -22.85 3.63 4.52
CA ILE A 61 -22.63 4.54 3.40
C ILE A 61 -21.50 3.88 2.56
N ALA A 62 -20.38 3.55 3.21
CA ALA A 62 -19.22 3.04 2.48
C ALA A 62 -19.54 1.88 1.56
N LEU A 63 -20.54 1.08 1.92
CA LEU A 63 -20.77 -0.16 1.23
C LEU A 63 -21.99 -0.14 0.36
N MET A 64 -22.89 0.83 0.50
CA MET A 64 -24.00 0.95 -0.43
C MET A 64 -23.83 2.10 -1.42
N ASP A 65 -22.69 2.78 -1.35
CA ASP A 65 -22.47 3.96 -2.18
C ASP A 65 -21.86 3.52 -3.51
N THR A 66 -22.74 3.16 -4.41
CA THR A 66 -22.44 2.41 -5.59
C THR A 66 -21.85 3.21 -6.73
N ASP A 67 -22.03 4.53 -6.71
CA ASP A 67 -21.53 5.40 -7.79
C ASP A 67 -20.32 6.18 -7.32
N GLY A 68 -19.88 5.89 -6.10
CA GLY A 68 -18.69 6.49 -5.54
C GLY A 68 -18.79 7.94 -5.11
N SER A 69 -20.00 8.46 -4.96
CA SER A 69 -20.20 9.85 -4.61
C SER A 69 -19.81 10.15 -3.18
N GLY A 70 -19.72 9.13 -2.34
CA GLY A 70 -19.49 9.35 -0.92
C GLY A 70 -20.74 9.52 -0.09
N LYS A 71 -21.90 9.69 -0.72
CA LYS A 71 -23.17 9.80 0.01
C LYS A 71 -24.21 8.98 -0.74
N LEU A 72 -25.34 8.69 -0.08
CA LEU A 72 -26.38 7.85 -0.66
C LEU A 72 -27.48 8.63 -1.35
N ASN A 73 -27.69 8.36 -2.65
CA ASN A 73 -28.87 8.90 -3.33
C ASN A 73 -30.08 8.03 -3.05
N LEU A 74 -31.21 8.37 -3.68
CA LEU A 74 -32.48 7.71 -3.43
C LEU A 74 -32.41 6.25 -3.73
N GLN A 75 -31.91 5.94 -4.91
CA GLN A 75 -31.83 4.57 -5.37
C GLN A 75 -30.96 3.79 -4.41
N GLU A 76 -29.78 4.32 -4.08
CA GLU A 76 -28.85 3.67 -3.16
C GLU A 76 -29.43 3.52 -1.77
N PHE A 77 -30.14 4.56 -1.30
CA PHE A 77 -30.82 4.51 0.01
C PHE A 77 -31.90 3.44 0.04
N HIS A 78 -32.61 3.26 -1.07
CA HIS A 78 -33.75 2.36 -1.14
C HIS A 78 -33.25 0.93 -1.07
N HIS A 79 -32.14 0.64 -1.74
CA HIS A 79 -31.51 -0.67 -1.60
C HIS A 79 -30.99 -0.91 -0.17
N LEU A 80 -30.33 0.08 0.41
CA LEU A 80 -29.92 -0.06 1.80
C LEU A 80 -31.11 -0.45 2.69
N TRP A 81 -32.26 0.19 2.44
CA TRP A 81 -33.46 0.03 3.25
C TRP A 81 -34.12 -1.35 3.14
N ASN A 82 -34.29 -1.80 1.92
CA ASN A 82 -34.74 -3.18 1.71
C ASN A 82 -33.81 -4.17 2.39
N LYS A 83 -32.49 -3.92 2.36
CA LYS A 83 -31.58 -4.76 3.13
C LYS A 83 -31.82 -4.73 4.61
N ILE A 84 -32.01 -3.54 5.18
CA ILE A 84 -32.22 -3.50 6.64
C ILE A 84 -33.51 -4.23 7.06
N LYS A 85 -34.58 -4.00 6.33
CA LYS A 85 -35.84 -4.68 6.60
C LYS A 85 -35.74 -6.19 6.60
N ALA A 86 -35.18 -6.74 5.53
CA ALA A 86 -34.98 -8.18 5.41
C ALA A 86 -34.11 -8.71 6.54
N TRP A 87 -33.12 -7.96 6.95
CA TRP A 87 -32.27 -8.36 8.06
C TRP A 87 -33.01 -8.26 9.38
N GLN A 88 -33.87 -7.24 9.48
CA GLN A 88 -34.73 -7.10 10.66
C GLN A 88 -35.72 -8.26 10.81
N LYS A 89 -36.17 -8.78 9.69
CA LYS A 89 -37.10 -9.91 9.74
C LYS A 89 -36.40 -11.07 10.42
N ILE A 90 -35.15 -11.27 10.03
CA ILE A 90 -34.37 -12.38 10.57
C ILE A 90 -34.05 -12.12 12.03
N PHE A 91 -33.64 -10.91 12.41
CA PHE A 91 -33.50 -10.60 13.83
C PHE A 91 -34.77 -10.98 14.58
N LYS A 92 -35.90 -10.35 14.23
CA LYS A 92 -37.15 -10.61 14.96
C LYS A 92 -37.45 -12.11 15.03
N HIS A 93 -37.28 -12.84 13.94
CA HIS A 93 -37.44 -14.29 13.99
C HIS A 93 -36.60 -14.97 15.09
N TYR A 94 -35.37 -14.53 15.34
CA TYR A 94 -34.53 -15.18 16.37
C TYR A 94 -34.64 -14.58 17.76
N ASP A 95 -35.08 -13.33 17.88
CA ASP A 95 -35.30 -12.71 19.21
C ASP A 95 -36.70 -13.03 19.75
N THR A 96 -37.02 -14.32 19.88
CA THR A 96 -38.32 -14.80 20.34
C THR A 96 -38.81 -14.13 21.61
N ASP A 97 -37.91 -14.02 22.59
CA ASP A 97 -38.25 -13.42 23.88
C ASP A 97 -38.07 -11.88 23.87
N GLN A 98 -38.33 -11.24 22.74
CA GLN A 98 -38.24 -9.78 22.59
C GLN A 98 -37.10 -9.08 23.34
N SER A 99 -36.03 -9.80 23.64
CA SER A 99 -34.99 -9.27 24.49
C SER A 99 -34.24 -8.07 23.87
N GLY A 100 -34.49 -7.76 22.60
CA GLY A 100 -33.64 -6.80 21.85
C GLY A 100 -32.23 -7.32 21.55
N THR A 101 -31.98 -8.59 21.87
CA THR A 101 -30.71 -9.26 21.59
C THR A 101 -30.97 -10.71 21.22
N ILE A 102 -30.03 -11.31 20.52
CA ILE A 102 -30.02 -12.76 20.31
C ILE A 102 -28.70 -13.29 20.85
N ASN A 103 -28.69 -14.49 21.40
CA ASN A 103 -27.43 -15.03 21.92
C ASN A 103 -26.56 -15.38 20.70
N SER A 104 -25.34 -15.88 20.95
CA SER A 104 -24.34 -16.08 19.88
C SER A 104 -24.56 -17.32 19.02
N TYR A 105 -25.31 -18.27 19.53
CA TYR A 105 -25.65 -19.48 18.79
C TYR A 105 -26.66 -19.15 17.68
N GLU A 106 -27.62 -18.32 18.02
CA GLU A 106 -28.62 -17.92 17.05
C GLU A 106 -28.03 -17.11 15.92
N MET A 107 -26.88 -16.47 16.16
CA MET A 107 -26.26 -15.61 15.16
C MET A 107 -25.73 -16.43 14.00
N ARG A 108 -25.13 -17.58 14.32
CA ARG A 108 -24.72 -18.59 13.34
C ARG A 108 -25.91 -18.91 12.45
N ASN A 109 -27.04 -19.19 13.06
CA ASN A 109 -28.25 -19.48 12.27
C ASN A 109 -28.72 -18.29 11.44
N ALA A 110 -28.77 -17.11 12.04
CA ALA A 110 -29.17 -15.86 11.36
C ALA A 110 -28.33 -15.59 10.11
N VAL A 111 -27.03 -15.71 10.27
CA VAL A 111 -26.12 -15.44 9.19
C VAL A 111 -26.37 -16.40 8.05
N ASN A 112 -26.45 -17.68 8.39
CA ASN A 112 -26.75 -18.71 7.38
C ASN A 112 -28.09 -18.46 6.65
N ASP A 113 -29.12 -18.08 7.40
CA ASP A 113 -30.43 -17.78 6.83
C ASP A 113 -30.38 -16.64 5.84
N ALA A 114 -29.56 -15.64 6.15
CA ALA A 114 -29.42 -14.49 5.28
C ALA A 114 -28.56 -14.80 4.09
N GLY A 115 -28.12 -16.05 3.93
CA GLY A 115 -27.34 -16.46 2.78
C GLY A 115 -25.85 -16.57 3.02
N PHE A 116 -25.37 -16.41 4.24
CA PHE A 116 -23.93 -16.45 4.39
C PHE A 116 -23.51 -17.77 5.04
N HIS A 117 -23.12 -18.72 4.20
CA HIS A 117 -22.64 -20.00 4.65
C HIS A 117 -21.13 -19.93 4.92
N LEU A 118 -20.74 -19.89 6.19
CA LEU A 118 -19.35 -19.57 6.46
C LEU A 118 -18.67 -20.78 7.00
N ASN A 119 -17.82 -20.61 8.01
CA ASN A 119 -17.14 -21.72 8.69
C ASN A 119 -16.92 -21.34 10.16
N ASN A 120 -16.45 -22.28 10.93
CA ASN A 120 -16.24 -22.08 12.34
C ASN A 120 -15.32 -20.97 12.74
N GLN A 121 -14.25 -20.77 12.00
CA GLN A 121 -13.30 -19.71 12.31
C GLN A 121 -14.04 -18.37 12.22
N LEU A 122 -14.84 -18.23 11.17
CA LEU A 122 -15.62 -17.02 10.92
C LEU A 122 -16.77 -16.78 11.93
N TYR A 123 -17.50 -17.80 12.27
CA TYR A 123 -18.50 -17.71 13.32
C TYR A 123 -17.93 -17.19 14.63
N ASP A 124 -16.69 -17.60 14.95
CA ASP A 124 -16.07 -17.15 16.21
C ASP A 124 -15.57 -15.71 16.14
N ILE A 125 -14.98 -15.35 14.99
CA ILE A 125 -14.61 -13.99 14.71
C ILE A 125 -15.84 -13.09 14.90
N ILE A 126 -16.96 -13.45 14.30
CA ILE A 126 -18.20 -12.67 14.42
C ILE A 126 -18.68 -12.52 15.87
N THR A 127 -18.72 -13.63 16.59
CA THR A 127 -19.07 -13.56 18.01
C THR A 127 -18.13 -12.64 18.80
N MET A 128 -16.83 -12.83 18.66
CA MET A 128 -15.85 -11.99 19.35
C MET A 128 -15.94 -10.50 19.02
N ARG A 129 -16.26 -10.18 17.77
CA ARG A 129 -16.31 -8.81 17.34
C ARG A 129 -17.61 -8.13 17.74
N TYR A 130 -18.71 -8.87 17.68
CA TYR A 130 -20.01 -8.24 17.69
C TYR A 130 -20.90 -8.53 18.87
N ALA A 131 -20.50 -9.49 19.71
CA ALA A 131 -21.26 -9.83 20.89
C ALA A 131 -20.80 -9.02 22.08
N ASP A 132 -21.71 -8.83 23.03
CA ASP A 132 -21.40 -8.08 24.25
C ASP A 132 -20.84 -9.06 25.29
N LYS A 133 -20.69 -8.58 26.52
CA LYS A 133 -20.16 -9.39 27.62
C LYS A 133 -21.07 -10.50 28.15
N HIS A 134 -22.34 -10.42 27.85
CA HIS A 134 -23.28 -11.51 28.15
C HIS A 134 -23.37 -12.47 26.96
N MET A 135 -22.52 -12.29 25.94
CA MET A 135 -22.55 -13.07 24.70
C MET A 135 -23.80 -12.91 23.85
N ASN A 136 -24.46 -11.77 23.99
CA ASN A 136 -25.63 -11.48 23.19
C ASN A 136 -25.24 -10.53 22.09
N ILE A 137 -26.13 -10.34 21.12
CA ILE A 137 -25.86 -9.46 19.99
C ILE A 137 -27.07 -8.59 19.80
N ASP A 138 -26.89 -7.29 19.96
CA ASP A 138 -27.99 -6.35 19.77
C ASP A 138 -28.22 -6.06 18.28
N PHE A 139 -29.36 -5.44 17.99
CA PHE A 139 -29.75 -5.11 16.64
C PHE A 139 -28.73 -4.25 15.88
N ASP A 140 -28.21 -3.20 16.50
CA ASP A 140 -27.18 -2.36 15.91
C ASP A 140 -25.90 -3.15 15.52
N SER A 141 -25.45 -4.05 16.40
CA SER A 141 -24.30 -4.90 16.10
C SER A 141 -24.62 -5.91 15.03
N PHE A 142 -25.80 -6.48 15.17
CA PHE A 142 -26.36 -7.39 14.17
C PHE A 142 -26.31 -6.77 12.77
N ILE A 143 -26.80 -5.53 12.65
CA ILE A 143 -26.90 -4.89 11.36
C ILE A 143 -25.51 -4.54 10.91
N CYS A 144 -24.69 -4.08 11.83
CA CYS A 144 -23.34 -3.74 11.47
C CYS A 144 -22.60 -4.95 10.86
N CYS A 145 -22.70 -6.10 11.50
CA CYS A 145 -22.06 -7.30 11.00
C CYS A 145 -22.59 -7.69 9.60
N PHE A 146 -23.91 -7.62 9.39
CA PHE A 146 -24.47 -8.02 8.11
C PHE A 146 -24.05 -7.04 7.01
N VAL A 147 -23.96 -5.75 7.32
CA VAL A 147 -23.50 -4.74 6.36
C VAL A 147 -22.06 -5.04 5.90
N ARG A 148 -21.19 -5.38 6.85
CA ARG A 148 -19.84 -5.71 6.49
C ARG A 148 -19.76 -7.01 5.68
N LEU A 149 -20.51 -8.06 6.04
CA LEU A 149 -20.53 -9.29 5.23
C LEU A 149 -21.03 -9.07 3.78
N GLU A 150 -22.14 -8.33 3.58
CA GLU A 150 -22.69 -8.12 2.28
C GLU A 150 -21.74 -7.31 1.48
N GLY A 151 -21.16 -6.29 2.13
CA GLY A 151 -20.25 -5.41 1.45
C GLY A 151 -19.01 -6.18 1.02
N MET A 152 -18.45 -6.95 1.95
CA MET A 152 -17.27 -7.78 1.60
C MET A 152 -17.59 -8.83 0.54
N PHE A 153 -18.81 -9.37 0.59
CA PHE A 153 -19.18 -10.36 -0.39
C PHE A 153 -19.33 -9.74 -1.77
N ARG A 154 -19.96 -8.57 -1.86
CA ARG A 154 -20.13 -7.87 -3.13
C ARG A 154 -18.84 -7.31 -3.70
N ALA A 155 -17.93 -6.86 -2.86
CA ALA A 155 -16.63 -6.47 -3.37
C ALA A 155 -15.98 -7.65 -4.07
N PHE A 156 -16.00 -8.80 -3.43
CA PHE A 156 -15.43 -10.02 -3.99
C PHE A 156 -16.18 -10.45 -5.25
N HIS A 157 -17.49 -10.37 -5.18
CA HIS A 157 -18.31 -10.90 -6.24
C HIS A 157 -18.04 -10.19 -7.55
N ALA A 158 -17.71 -8.91 -7.47
CA ALA A 158 -17.40 -8.12 -8.69
C ALA A 158 -16.28 -8.74 -9.53
N PHE A 159 -15.36 -9.49 -8.90
CA PHE A 159 -14.29 -10.24 -9.60
C PHE A 159 -14.65 -11.68 -9.92
N ASP A 160 -15.85 -12.12 -9.52
CA ASP A 160 -16.31 -13.51 -9.59
C ASP A 160 -17.71 -13.56 -10.25
N LYS A 161 -17.91 -12.90 -11.38
CA LYS A 161 -19.18 -13.00 -12.10
C LYS A 161 -19.55 -14.47 -12.49
N ASP A 162 -18.56 -15.34 -12.69
CA ASP A 162 -18.86 -16.75 -12.96
C ASP A 162 -19.49 -17.47 -11.77
N GLY A 163 -19.30 -16.96 -10.55
CA GLY A 163 -20.01 -17.47 -9.40
C GLY A 163 -19.43 -18.66 -8.62
N ASP A 164 -18.30 -19.23 -9.01
CA ASP A 164 -17.75 -20.38 -8.29
C ASP A 164 -17.15 -20.11 -6.92
N GLY A 165 -17.17 -18.87 -6.45
CA GLY A 165 -16.56 -18.53 -5.16
C GLY A 165 -15.04 -18.48 -5.15
N ILE A 166 -14.42 -18.67 -6.31
CA ILE A 166 -12.96 -18.60 -6.48
C ILE A 166 -12.56 -17.46 -7.43
N ILE A 167 -11.58 -16.64 -7.07
CA ILE A 167 -11.09 -15.60 -8.00
C ILE A 167 -9.57 -15.63 -8.06
N LYS A 168 -9.03 -15.39 -9.24
CA LYS A 168 -7.59 -15.14 -9.40
C LYS A 168 -7.31 -13.66 -9.63
N LEU A 169 -6.38 -13.09 -8.88
CA LEU A 169 -6.13 -11.64 -8.97
C LEU A 169 -4.68 -11.29 -9.32
N ASN A 170 -4.49 -10.24 -10.14
CA ASN A 170 -3.17 -9.58 -10.35
C ASN A 170 -3.07 -8.54 -9.25
N VAL A 171 -1.96 -7.82 -9.19
CA VAL A 171 -1.68 -6.97 -8.02
C VAL A 171 -2.58 -5.72 -7.98
N LEU A 172 -2.93 -5.19 -9.14
CA LEU A 172 -3.76 -4.00 -9.16
C LEU A 172 -5.22 -4.34 -8.90
N GLU A 173 -5.64 -5.54 -9.32
CA GLU A 173 -6.95 -6.04 -8.94
C GLU A 173 -7.09 -6.21 -7.44
N TRP A 174 -6.07 -6.80 -6.82
CA TRP A 174 -6.00 -6.96 -5.34
C TRP A 174 -5.96 -5.66 -4.61
N LEU A 175 -5.22 -4.71 -5.17
CA LEU A 175 -5.29 -3.34 -4.62
C LEU A 175 -6.65 -2.69 -4.79
N GLN A 176 -7.32 -2.94 -5.91
CA GLN A 176 -8.69 -2.42 -6.06
C GLN A 176 -9.58 -3.00 -4.99
N LEU A 177 -9.56 -4.30 -4.88
CA LEU A 177 -10.41 -4.96 -3.92
C LEU A 177 -10.18 -4.45 -2.50
N THR A 178 -8.92 -4.41 -2.09
CA THR A 178 -8.53 -4.09 -0.73
C THR A 178 -8.65 -2.65 -0.41
N MET A 179 -8.40 -1.77 -1.36
CA MET A 179 -8.47 -0.34 -1.00
C MET A 179 -9.92 0.10 -0.92
N TYR A 180 -10.76 -0.58 -1.71
CA TYR A 180 -12.19 -0.48 -1.54
C TYR A 180 -12.60 -1.01 -0.20
N ALA A 181 -12.16 -2.20 0.18
CA ALA A 181 -12.62 -2.81 1.46
C ALA A 181 -12.21 -2.05 2.72
N LEU A 182 -11.08 -1.35 2.72
CA LEU A 182 -10.63 -0.62 3.92
C LEU A 182 -11.32 0.73 4.04
N GLU A 183 -12.25 0.83 4.96
CA GLU A 183 -12.93 2.05 5.25
C GLU A 183 -11.98 3.14 5.77
N HIS A 184 -12.35 4.40 5.58
CA HIS A 184 -11.60 5.48 6.17
C HIS A 184 -12.56 6.44 6.80
N HIS A 185 -12.27 6.86 8.03
CA HIS A 185 -13.28 7.55 8.83
C HIS A 185 -12.93 8.98 9.23
N HIS A 186 -11.81 9.53 8.76
CA HIS A 186 -11.43 10.91 9.12
C HIS A 186 -10.52 11.58 8.06
N GLU B 7 20.68 11.87 13.08
CA GLU B 7 20.77 10.53 12.44
C GLU B 7 20.92 9.40 13.49
N SER B 8 22.13 9.23 14.01
CA SER B 8 22.36 8.67 15.33
C SER B 8 21.68 9.53 16.43
N GLU B 9 21.80 10.84 16.29
CA GLU B 9 21.19 11.80 17.23
C GLU B 9 19.65 11.71 17.30
N GLU B 10 19.05 11.40 16.15
CA GLU B 10 17.62 11.31 16.01
C GLU B 10 17.15 10.01 16.64
N GLN B 11 17.99 8.99 16.51
CA GLN B 11 17.74 7.73 17.18
C GLN B 11 17.90 7.88 18.69
N GLN B 12 18.87 8.71 19.11
CA GLN B 12 18.97 9.00 20.52
C GLN B 12 17.76 9.78 21.01
N GLN B 13 17.38 10.73 20.21
CA GLN B 13 16.23 11.53 20.51
C GLN B 13 15.05 10.61 20.67
N PHE B 14 14.90 9.70 19.71
CA PHE B 14 13.77 8.79 19.73
C PHE B 14 13.80 7.78 20.86
N ARG B 15 14.99 7.36 21.27
CA ARG B 15 15.07 6.50 22.41
C ARG B 15 14.50 7.24 23.60
N ASN B 16 14.80 8.53 23.67
CA ASN B 16 14.39 9.34 24.81
C ASN B 16 12.88 9.59 24.83
N ILE B 17 12.31 9.83 23.68
CA ILE B 17 10.83 9.83 23.60
C ILE B 17 10.28 8.47 24.11
N PHE B 18 10.73 7.33 23.56
CA PHE B 18 10.28 5.99 24.08
C PHE B 18 10.47 5.83 25.60
N LYS B 19 11.61 6.25 26.10
CA LYS B 19 11.88 6.13 27.51
C LYS B 19 10.80 6.86 28.32
N GLN B 20 10.23 7.91 27.71
CA GLN B 20 9.22 8.69 28.36
C GLN B 20 7.82 8.12 28.23
N ILE B 21 7.46 7.61 27.05
CA ILE B 21 6.08 7.23 26.82
C ILE B 21 5.83 5.76 26.49
N ALA B 22 6.84 4.99 26.11
CA ALA B 22 6.58 3.63 25.67
C ALA B 22 6.24 2.71 26.84
N GLY B 23 6.50 3.15 28.07
CA GLY B 23 6.32 2.25 29.21
C GLY B 23 7.33 1.10 29.22
N ASP B 24 7.06 0.10 30.06
CA ASP B 24 8.05 -0.92 30.46
C ASP B 24 8.52 -1.81 29.29
N ASP B 25 7.58 -2.22 28.46
CA ASP B 25 7.87 -3.04 27.28
C ASP B 25 8.73 -2.35 26.22
N MET B 26 9.11 -1.09 26.42
CA MET B 26 9.73 -0.25 25.38
C MET B 26 9.16 -0.39 23.95
N GLU B 27 7.87 -0.63 23.85
CA GLU B 27 7.23 -0.82 22.57
C GLU B 27 5.97 0.05 22.53
N ILE B 28 5.59 0.56 21.37
CA ILE B 28 4.38 1.40 21.32
C ILE B 28 3.19 0.82 20.58
N CYS B 29 2.07 0.79 21.28
CA CYS B 29 0.77 0.41 20.71
C CYS B 29 0.18 1.60 19.99
N ALA B 30 -0.99 1.42 19.37
CA ALA B 30 -1.59 2.47 18.55
C ALA B 30 -1.92 3.76 19.33
N ASP B 31 -2.41 3.62 20.56
CA ASP B 31 -2.71 4.76 21.42
C ASP B 31 -1.42 5.56 21.66
N GLU B 32 -0.35 4.84 21.98
CA GLU B 32 0.93 5.47 22.29
C GLU B 32 1.56 6.15 21.08
N LEU B 33 1.42 5.53 19.91
CA LEU B 33 1.91 6.12 18.67
C LEU B 33 1.20 7.44 18.38
N LYS B 34 -0.13 7.46 18.52
CA LYS B 34 -0.92 8.68 18.42
C LYS B 34 -0.36 9.82 19.28
N LYS B 35 0.02 9.46 20.51
CA LYS B 35 0.54 10.45 21.45
C LYS B 35 1.81 11.02 20.92
N VAL B 36 2.68 10.11 20.49
CA VAL B 36 3.99 10.46 19.98
C VAL B 36 3.88 11.40 18.75
N LEU B 37 3.17 10.96 17.72
CA LEU B 37 3.18 11.72 16.48
C LEU B 37 2.53 13.09 16.68
N ASN B 38 1.41 13.14 17.39
CA ASN B 38 0.70 14.41 17.60
C ASN B 38 1.36 15.29 18.66
N THR B 39 2.35 14.74 19.39
CA THR B 39 3.23 15.53 20.27
C THR B 39 4.76 15.29 20.04
N VAL B 40 5.13 15.03 18.78
CA VAL B 40 6.44 15.42 18.21
C VAL B 40 6.14 16.50 17.14
N VAL B 41 4.89 16.98 17.18
CA VAL B 41 4.34 17.99 16.31
C VAL B 41 3.63 18.90 17.32
N ASN B 42 3.23 20.10 16.90
CA ASN B 42 2.38 20.96 17.75
C ASN B 42 1.40 21.77 16.90
N THR B 49 -8.67 19.48 15.91
CA THR B 49 -7.31 19.64 15.41
C THR B 49 -7.09 18.78 14.15
N HIS B 50 -5.95 19.00 13.49
CA HIS B 50 -5.48 18.13 12.42
C HIS B 50 -4.78 16.99 13.17
N GLY B 51 -3.62 16.52 12.71
CA GLY B 51 -2.90 15.46 13.41
C GLY B 51 -3.45 14.07 13.13
N PHE B 52 -2.67 13.05 13.46
CA PHE B 52 -3.00 11.68 13.13
C PHE B 52 -4.08 11.12 14.04
N THR B 53 -4.88 10.24 13.47
CA THR B 53 -6.00 9.63 14.13
C THR B 53 -5.56 8.27 14.59
N LEU B 54 -6.34 7.68 15.48
CA LEU B 54 -6.08 6.33 15.92
C LEU B 54 -6.10 5.37 14.73
N GLU B 55 -7.09 5.55 13.85
CA GLU B 55 -7.25 4.69 12.67
C GLU B 55 -5.99 4.65 11.84
N SER B 56 -5.42 5.82 11.57
CA SER B 56 -4.19 5.89 10.81
C SER B 56 -3.02 5.20 11.56
N CYS B 57 -2.91 5.45 12.87
CA CYS B 57 -1.81 4.80 13.64
C CYS B 57 -1.98 3.28 13.64
N ARG B 58 -3.21 2.80 13.62
CA ARG B 58 -3.42 1.37 13.54
C ARG B 58 -2.83 0.85 12.24
N SER B 59 -3.01 1.59 11.16
CA SER B 59 -2.48 1.17 9.86
C SER B 59 -0.95 1.31 9.78
N MET B 60 -0.42 2.33 10.42
CA MET B 60 1.01 2.48 10.48
C MET B 60 1.63 1.29 11.16
N ILE B 61 1.05 0.86 12.28
CA ILE B 61 1.56 -0.31 12.98
C ILE B 61 1.43 -1.57 12.14
N ALA B 62 0.29 -1.77 11.48
CA ALA B 62 0.18 -2.95 10.60
C ALA B 62 1.33 -2.96 9.59
N LEU B 63 1.68 -1.79 9.09
CA LEU B 63 2.69 -1.72 8.05
C LEU B 63 4.07 -2.08 8.56
N MET B 64 4.51 -1.43 9.64
CA MET B 64 5.91 -1.44 10.05
C MET B 64 6.28 -2.41 11.16
N ASP B 65 5.29 -3.12 11.69
CA ASP B 65 5.49 -4.12 12.72
C ASP B 65 6.06 -5.37 12.11
N THR B 66 7.27 -5.28 11.58
CA THR B 66 7.85 -6.36 10.80
C THR B 66 8.22 -7.60 11.66
N ASP B 67 8.19 -7.51 12.99
CA ASP B 67 8.41 -8.73 13.80
C ASP B 67 7.12 -9.29 14.36
N GLY B 68 5.97 -8.76 14.00
CA GLY B 68 4.68 -9.36 14.39
C GLY B 68 4.35 -9.23 15.85
N SER B 69 5.05 -8.36 16.58
CA SER B 69 4.79 -8.17 18.01
C SER B 69 3.53 -7.37 18.28
N GLY B 70 2.92 -6.78 17.25
CA GLY B 70 1.71 -5.94 17.45
C GLY B 70 1.99 -4.50 17.88
N LYS B 71 3.22 -4.20 18.24
CA LYS B 71 3.56 -2.85 18.60
C LYS B 71 4.87 -2.54 17.92
N LEU B 72 5.28 -1.27 18.01
CA LEU B 72 6.52 -0.83 17.42
C LEU B 72 7.62 -0.71 18.44
N ASN B 73 8.71 -1.36 18.13
CA ASN B 73 9.92 -1.11 18.88
C ASN B 73 10.60 0.12 18.26
N LEU B 74 11.75 0.48 18.80
CA LEU B 74 12.42 1.72 18.43
C LEU B 74 12.82 1.75 16.98
N GLN B 75 13.38 0.65 16.54
CA GLN B 75 13.87 0.52 15.16
C GLN B 75 12.72 0.60 14.18
N GLU B 76 11.61 -0.05 14.48
CA GLU B 76 10.45 -0.04 13.57
C GLU B 76 9.89 1.35 13.52
N PHE B 77 9.86 2.02 14.65
CA PHE B 77 9.37 3.38 14.67
C PHE B 77 10.28 4.31 13.86
N HIS B 78 11.58 4.07 13.96
CA HIS B 78 12.49 4.94 13.24
C HIS B 78 12.21 4.81 11.75
N HIS B 79 12.01 3.57 11.29
CA HIS B 79 11.70 3.37 9.88
C HIS B 79 10.41 4.11 9.51
N LEU B 80 9.42 4.05 10.39
CA LEU B 80 8.14 4.69 10.14
C LEU B 80 8.35 6.18 10.01
N TRP B 81 9.05 6.72 11.01
CA TRP B 81 9.31 8.12 11.00
C TRP B 81 9.89 8.53 9.67
N ASN B 82 10.81 7.73 9.13
CA ASN B 82 11.53 8.15 7.94
C ASN B 82 10.62 8.17 6.76
N LYS B 83 9.73 7.19 6.68
CA LYS B 83 8.77 7.17 5.61
C LYS B 83 7.83 8.37 5.69
N ILE B 84 7.42 8.73 6.90
CA ILE B 84 6.51 9.85 7.06
C ILE B 84 7.22 11.13 6.63
N LYS B 85 8.51 11.21 6.96
CA LYS B 85 9.31 12.32 6.45
C LYS B 85 9.31 12.35 4.94
N ALA B 86 9.61 11.22 4.30
CA ALA B 86 9.70 11.21 2.83
C ALA B 86 8.35 11.56 2.21
N TRP B 87 7.27 11.03 2.74
CA TRP B 87 5.95 11.31 2.17
C TRP B 87 5.50 12.75 2.42
N GLN B 88 5.87 13.26 3.57
CA GLN B 88 5.63 14.63 3.90
C GLN B 88 6.30 15.55 2.89
N LYS B 89 7.54 15.26 2.50
CA LYS B 89 8.20 16.06 1.47
C LYS B 89 7.38 16.05 0.18
N ILE B 90 6.78 14.92 -0.18
CA ILE B 90 5.96 14.88 -1.38
C ILE B 90 4.71 15.72 -1.19
N PHE B 91 4.09 15.61 -0.02
CA PHE B 91 2.91 16.38 0.29
C PHE B 91 3.21 17.90 0.13
N LYS B 92 4.27 18.40 0.78
CA LYS B 92 4.70 19.80 0.63
C LYS B 92 4.71 20.23 -0.83
N HIS B 93 5.49 19.51 -1.63
CA HIS B 93 5.67 19.82 -3.04
C HIS B 93 4.37 20.17 -3.76
N TYR B 94 3.24 19.60 -3.33
CA TYR B 94 1.97 19.85 -3.97
C TYR B 94 1.00 20.79 -3.21
N ASP B 95 1.19 20.99 -1.90
CA ASP B 95 0.31 21.91 -1.18
C ASP B 95 0.78 23.36 -1.32
N THR B 96 1.02 23.83 -2.54
CA THR B 96 1.72 25.11 -2.72
C THR B 96 1.05 26.23 -1.96
N ASP B 97 -0.28 26.29 -2.00
CA ASP B 97 -0.99 27.33 -1.25
C ASP B 97 -1.03 27.11 0.27
N GLN B 98 -0.15 26.26 0.81
CA GLN B 98 0.01 26.13 2.26
C GLN B 98 -1.33 25.77 2.92
N SER B 99 -2.26 25.18 2.18
CA SER B 99 -3.63 24.99 2.66
C SER B 99 -3.82 23.83 3.65
N GLY B 100 -2.79 23.00 3.84
CA GLY B 100 -2.93 21.77 4.63
C GLY B 100 -3.53 20.60 3.86
N THR B 101 -3.92 20.84 2.61
CA THR B 101 -4.53 19.81 1.81
C THR B 101 -3.95 19.85 0.40
N ILE B 102 -4.18 18.76 -0.35
CA ILE B 102 -3.88 18.72 -1.78
C ILE B 102 -5.11 18.21 -2.48
N ASN B 103 -5.27 18.56 -3.75
CA ASN B 103 -6.42 18.15 -4.54
C ASN B 103 -6.11 16.88 -5.32
N SER B 104 -7.10 16.41 -6.07
CA SER B 104 -7.12 15.02 -6.50
C SER B 104 -6.18 14.72 -7.65
N TYR B 105 -5.93 15.72 -8.48
CA TYR B 105 -4.93 15.52 -9.50
C TYR B 105 -3.58 15.47 -8.80
N GLU B 106 -3.37 16.40 -7.89
CA GLU B 106 -2.13 16.45 -7.13
C GLU B 106 -1.83 15.09 -6.45
N MET B 107 -2.85 14.39 -5.96
CA MET B 107 -2.66 13.05 -5.37
C MET B 107 -2.12 12.00 -6.34
N ARG B 108 -2.51 12.04 -7.61
CA ARG B 108 -2.08 11.08 -8.62
C ARG B 108 -0.58 11.17 -8.84
N ASN B 109 -0.12 12.42 -8.95
CA ASN B 109 1.29 12.69 -9.05
C ASN B 109 2.01 12.30 -7.78
N ALA B 110 1.46 12.70 -6.63
CA ALA B 110 2.10 12.40 -5.35
C ALA B 110 2.27 10.89 -5.20
N VAL B 111 1.21 10.18 -5.55
CA VAL B 111 1.19 8.72 -5.57
C VAL B 111 2.29 8.15 -6.48
N ASN B 112 2.39 8.70 -7.68
CA ASN B 112 3.39 8.25 -8.62
C ASN B 112 4.77 8.66 -8.16
N ASP B 113 4.91 9.88 -7.65
CA ASP B 113 6.16 10.32 -7.06
C ASP B 113 6.62 9.37 -5.96
N ALA B 114 5.68 8.90 -5.13
CA ALA B 114 6.06 8.00 -4.03
C ALA B 114 6.45 6.61 -4.48
N GLY B 115 6.34 6.33 -5.79
CA GLY B 115 6.68 5.03 -6.38
C GLY B 115 5.54 4.11 -6.78
N PHE B 116 4.29 4.41 -6.38
CA PHE B 116 3.18 3.50 -6.68
C PHE B 116 2.61 3.72 -8.06
N HIS B 117 2.55 2.64 -8.84
CA HIS B 117 1.88 2.61 -10.14
C HIS B 117 0.55 1.92 -10.00
N LEU B 118 -0.51 2.63 -10.33
CA LEU B 118 -1.84 2.20 -10.07
C LEU B 118 -2.61 2.33 -11.35
N ASN B 119 -3.92 2.53 -11.27
CA ASN B 119 -4.72 2.71 -12.45
C ASN B 119 -5.86 3.61 -12.13
N ASN B 120 -6.68 3.95 -13.12
CA ASN B 120 -7.73 5.01 -12.95
C ASN B 120 -8.79 4.61 -11.93
N GLN B 121 -8.99 3.31 -11.76
CA GLN B 121 -10.03 2.86 -10.85
C GLN B 121 -9.47 3.09 -9.44
N LEU B 122 -8.18 2.86 -9.26
CA LEU B 122 -7.59 3.02 -7.96
C LEU B 122 -7.63 4.49 -7.60
N TYR B 123 -7.34 5.40 -8.53
CA TYR B 123 -7.48 6.86 -8.28
C TYR B 123 -8.90 7.22 -7.87
N ASP B 124 -9.92 6.60 -8.43
CA ASP B 124 -11.29 6.92 -8.02
C ASP B 124 -11.58 6.42 -6.62
N ILE B 125 -11.07 5.23 -6.31
CA ILE B 125 -11.26 4.65 -5.00
C ILE B 125 -10.55 5.44 -3.92
N ILE B 126 -9.32 5.85 -4.19
CA ILE B 126 -8.58 6.69 -3.26
C ILE B 126 -9.35 7.99 -2.97
N THR B 127 -9.87 8.60 -4.05
CA THR B 127 -10.68 9.79 -3.91
C THR B 127 -11.91 9.51 -3.07
N MET B 128 -12.68 8.49 -3.43
CA MET B 128 -13.91 8.19 -2.67
C MET B 128 -13.66 8.05 -1.16
N ARG B 129 -12.52 7.45 -0.80
CA ARG B 129 -12.16 7.10 0.59
C ARG B 129 -11.36 8.13 1.35
N TYR B 130 -10.52 8.92 0.68
CA TYR B 130 -9.58 9.78 1.39
C TYR B 130 -9.81 11.29 1.22
N ALA B 131 -10.62 11.67 0.24
CA ALA B 131 -10.85 13.07 -0.05
C ALA B 131 -12.08 13.57 0.69
N ASP B 132 -12.03 14.82 1.13
CA ASP B 132 -13.19 15.49 1.71
C ASP B 132 -14.22 15.88 0.66
N LYS B 133 -15.30 16.49 1.10
CA LYS B 133 -16.37 16.91 0.19
C LYS B 133 -15.91 17.94 -0.86
N HIS B 134 -14.78 18.61 -0.64
CA HIS B 134 -14.20 19.49 -1.67
C HIS B 134 -13.20 18.74 -2.59
N MET B 135 -13.01 17.44 -2.36
CA MET B 135 -12.08 16.63 -3.13
C MET B 135 -10.62 16.93 -2.87
N ASN B 136 -10.37 17.37 -1.64
CA ASN B 136 -9.03 17.51 -1.10
C ASN B 136 -8.60 16.46 -0.05
N ILE B 137 -7.32 16.12 -0.07
CA ILE B 137 -6.75 15.23 0.91
C ILE B 137 -5.91 16.02 1.93
N ASP B 138 -6.31 15.88 3.19
CA ASP B 138 -5.58 16.37 4.35
C ASP B 138 -4.43 15.39 4.59
N PHE B 139 -3.57 15.70 5.53
CA PHE B 139 -2.33 14.99 5.67
C PHE B 139 -2.54 13.63 6.36
N ASP B 140 -3.47 13.57 7.31
CA ASP B 140 -3.78 12.33 8.00
C ASP B 140 -4.20 11.26 6.97
N SER B 141 -5.15 11.63 6.10
CA SER B 141 -5.66 10.74 5.08
C SER B 141 -4.61 10.38 4.06
N PHE B 142 -3.79 11.36 3.68
CA PHE B 142 -2.69 11.17 2.74
C PHE B 142 -1.79 10.06 3.24
N ILE B 143 -1.32 10.20 4.46
CA ILE B 143 -0.41 9.20 5.03
C ILE B 143 -1.14 7.88 5.25
N CYS B 144 -2.38 7.92 5.71
CA CYS B 144 -3.11 6.70 5.94
C CYS B 144 -3.30 5.90 4.63
N CYS B 145 -3.50 6.61 3.53
CA CYS B 145 -3.68 5.97 2.25
C CYS B 145 -2.38 5.31 1.80
N PHE B 146 -1.29 6.05 1.98
CA PHE B 146 0.00 5.59 1.57
C PHE B 146 0.46 4.35 2.31
N VAL B 147 0.17 4.21 3.60
CA VAL B 147 0.65 3.05 4.34
C VAL B 147 -0.18 1.82 3.99
N ARG B 148 -1.46 2.03 3.70
CA ARG B 148 -2.35 0.96 3.27
C ARG B 148 -1.97 0.50 1.92
N LEU B 149 -1.65 1.45 1.03
CA LEU B 149 -1.20 1.07 -0.28
C LEU B 149 0.05 0.17 -0.11
N GLU B 150 1.06 0.65 0.62
CA GLU B 150 2.27 -0.13 0.80
C GLU B 150 2.00 -1.47 1.50
N GLY B 151 1.10 -1.45 2.48
CA GLY B 151 0.78 -2.67 3.21
C GLY B 151 0.15 -3.67 2.28
N MET B 152 -0.73 -3.21 1.39
CA MET B 152 -1.42 -4.11 0.49
C MET B 152 -0.53 -4.67 -0.61
N PHE B 153 0.42 -3.86 -1.10
CA PHE B 153 1.47 -4.39 -1.96
C PHE B 153 2.29 -5.46 -1.29
N ARG B 154 2.64 -5.25 -0.02
CA ARG B 154 3.39 -6.26 0.76
C ARG B 154 2.56 -7.51 0.92
N ALA B 155 1.25 -7.39 1.22
CA ALA B 155 0.41 -8.61 1.35
C ALA B 155 0.44 -9.39 0.08
N PHE B 156 0.35 -8.70 -1.05
CA PHE B 156 0.17 -9.41 -2.27
C PHE B 156 1.40 -10.28 -2.48
N HIS B 157 2.58 -9.69 -2.36
CA HIS B 157 3.79 -10.40 -2.75
C HIS B 157 4.08 -11.54 -1.74
N ALA B 158 3.71 -11.32 -0.49
CA ALA B 158 3.76 -12.37 0.52
C ALA B 158 2.77 -13.52 0.22
N PHE B 159 1.59 -13.24 -0.30
CA PHE B 159 0.68 -14.34 -0.65
C PHE B 159 1.12 -15.07 -1.93
N ASP B 160 1.82 -14.38 -2.81
CA ASP B 160 2.22 -14.95 -4.08
C ASP B 160 3.50 -15.78 -3.92
N LYS B 161 3.38 -16.99 -3.39
CA LYS B 161 4.57 -17.79 -3.03
C LYS B 161 5.32 -18.28 -4.24
N ASP B 162 4.64 -18.68 -5.29
CA ASP B 162 5.32 -19.03 -6.53
C ASP B 162 5.88 -17.83 -7.34
N GLY B 163 5.50 -16.60 -7.02
CA GLY B 163 6.00 -15.44 -7.73
C GLY B 163 5.49 -15.21 -9.15
N ASP B 164 4.36 -15.77 -9.52
CA ASP B 164 3.90 -15.64 -10.89
C ASP B 164 3.06 -14.39 -11.11
N GLY B 165 2.94 -13.58 -10.07
CA GLY B 165 2.12 -12.37 -10.12
C GLY B 165 0.63 -12.58 -10.00
N ILE B 166 0.19 -13.76 -9.53
CA ILE B 166 -1.23 -14.03 -9.38
C ILE B 166 -1.51 -14.77 -8.06
N ILE B 167 -2.60 -14.40 -7.38
CA ILE B 167 -3.03 -15.09 -6.16
C ILE B 167 -4.45 -15.64 -6.32
N LYS B 168 -4.68 -16.77 -5.66
CA LYS B 168 -5.98 -17.43 -5.65
C LYS B 168 -6.58 -17.17 -4.29
N LEU B 169 -7.86 -16.79 -4.30
CA LEU B 169 -8.63 -16.56 -3.10
C LEU B 169 -10.02 -17.14 -3.28
N ASN B 170 -10.51 -17.84 -2.24
CA ASN B 170 -11.94 -18.12 -2.17
C ASN B 170 -12.65 -17.13 -1.23
N VAL B 171 -13.97 -17.08 -1.31
CA VAL B 171 -14.77 -16.06 -0.62
C VAL B 171 -14.61 -16.12 0.89
N LEU B 172 -14.45 -17.32 1.43
CA LEU B 172 -14.24 -17.45 2.89
C LEU B 172 -12.87 -16.98 3.33
N GLU B 173 -11.83 -17.29 2.54
CA GLU B 173 -10.51 -16.75 2.82
C GLU B 173 -10.66 -15.25 2.84
N TRP B 174 -11.37 -14.71 1.85
CA TRP B 174 -11.50 -13.27 1.76
C TRP B 174 -12.25 -12.77 2.98
N LEU B 175 -13.42 -13.32 3.27
CA LEU B 175 -14.15 -12.84 4.45
C LEU B 175 -13.30 -12.97 5.71
N GLN B 176 -12.40 -13.95 5.74
CA GLN B 176 -11.56 -14.14 6.93
C GLN B 176 -10.61 -12.97 7.07
N LEU B 177 -9.94 -12.61 5.99
CA LEU B 177 -9.02 -11.51 5.98
C LEU B 177 -9.69 -10.18 6.36
N THR B 178 -10.91 -9.94 5.89
CA THR B 178 -11.46 -8.62 6.00
C THR B 178 -12.01 -8.39 7.40
N MET B 179 -12.17 -9.45 8.18
CA MET B 179 -12.69 -9.36 9.55
C MET B 179 -11.60 -9.13 10.60
N TYR B 180 -10.35 -9.51 10.34
CA TYR B 180 -9.27 -9.05 11.23
C TYR B 180 -8.20 -8.19 10.55
N ALA B 181 -7.56 -8.71 9.51
CA ALA B 181 -6.40 -8.02 8.91
C ALA B 181 -6.75 -6.68 8.25
N LEU B 182 -8.04 -6.44 7.98
CA LEU B 182 -8.51 -5.26 7.23
C LEU B 182 -9.86 -4.74 7.75
N ASP C 25 19.51 -9.38 7.29
CA ASP C 25 20.85 -9.58 6.67
C ASP C 25 21.82 -8.41 6.94
N MET C 26 21.30 -7.18 7.00
CA MET C 26 22.09 -5.95 7.09
C MET C 26 22.59 -5.50 5.70
N GLU C 27 23.30 -6.39 5.00
CA GLU C 27 23.79 -6.15 3.64
C GLU C 27 22.64 -5.98 2.64
N ILE C 28 22.91 -5.27 1.55
CA ILE C 28 21.86 -4.96 0.57
C ILE C 28 21.55 -6.10 -0.42
N CYS C 29 20.43 -6.76 -0.14
CA CYS C 29 19.76 -7.72 -1.04
C CYS C 29 19.55 -7.15 -2.47
N ALA C 30 19.18 -8.01 -3.43
CA ALA C 30 18.94 -7.55 -4.81
C ALA C 30 17.62 -6.78 -4.93
N ASP C 31 16.75 -7.03 -3.96
CA ASP C 31 15.46 -6.34 -3.84
C ASP C 31 15.66 -5.04 -3.06
N GLU C 32 16.36 -5.16 -1.93
CA GLU C 32 16.77 -4.01 -1.13
C GLU C 32 17.49 -3.01 -2.09
N LEU C 33 18.21 -3.53 -3.09
CA LEU C 33 18.88 -2.70 -4.10
C LEU C 33 17.94 -2.18 -5.20
N LYS C 34 17.04 -3.02 -5.69
CA LYS C 34 16.14 -2.60 -6.76
C LYS C 34 15.27 -1.43 -6.33
N LYS C 35 14.71 -1.54 -5.12
CA LYS C 35 13.77 -0.52 -4.65
C LYS C 35 14.47 0.82 -4.40
N VAL C 36 15.58 0.78 -3.64
CA VAL C 36 16.36 2.01 -3.36
C VAL C 36 16.88 2.70 -4.61
N LEU C 37 17.29 1.89 -5.58
CA LEU C 37 18.04 2.40 -6.70
C LEU C 37 17.22 3.40 -7.50
N ASN C 38 15.90 3.25 -7.49
CA ASN C 38 15.05 4.15 -8.26
C ASN C 38 14.24 5.14 -7.41
N THR C 39 14.44 5.13 -6.09
CA THR C 39 13.79 6.10 -5.19
C THR C 39 14.40 7.48 -5.36
N VAL C 40 15.71 7.57 -5.20
CA VAL C 40 16.40 8.83 -5.42
C VAL C 40 16.35 9.08 -6.93
N VAL C 41 16.85 8.10 -7.69
CA VAL C 41 16.84 8.19 -9.15
C VAL C 41 17.20 6.83 -9.76
N HIS C 50 11.50 6.09 -14.96
CA HIS C 50 12.18 4.99 -15.62
C HIS C 50 12.22 3.80 -14.67
N GLY C 51 13.01 3.91 -13.61
CA GLY C 51 13.19 2.83 -12.64
C GLY C 51 14.19 1.79 -13.09
N PHE C 52 14.37 0.76 -12.25
CA PHE C 52 15.15 -0.43 -12.58
C PHE C 52 14.33 -1.67 -12.34
N THR C 53 14.59 -2.71 -13.14
CA THR C 53 14.03 -4.03 -12.89
C THR C 53 14.82 -4.74 -11.80
N LEU C 54 14.24 -5.81 -11.27
CA LEU C 54 14.92 -6.68 -10.31
C LEU C 54 16.09 -7.43 -10.97
N GLU C 55 15.85 -7.91 -12.20
CA GLU C 55 16.89 -8.59 -13.00
C GLU C 55 18.18 -7.83 -13.03
N SER C 56 18.09 -6.51 -13.23
CA SER C 56 19.28 -5.69 -13.52
C SER C 56 20.21 -5.58 -12.30
N CYS C 57 19.58 -5.46 -11.12
CA CYS C 57 20.27 -5.43 -9.82
C CYS C 57 21.03 -6.71 -9.51
N ARG C 58 20.43 -7.84 -9.82
CA ARG C 58 21.08 -9.13 -9.60
C ARG C 58 22.41 -9.08 -10.35
N SER C 59 22.33 -8.72 -11.63
CA SER C 59 23.53 -8.49 -12.44
C SER C 59 24.46 -7.48 -11.75
N MET C 60 23.91 -6.38 -11.24
CA MET C 60 24.71 -5.34 -10.58
C MET C 60 25.41 -5.77 -9.30
N ILE C 61 24.67 -6.40 -8.38
CA ILE C 61 25.30 -6.91 -7.18
C ILE C 61 26.32 -7.98 -7.54
N ALA C 62 25.98 -8.81 -8.52
CA ALA C 62 26.87 -9.91 -8.96
C ALA C 62 28.17 -9.37 -9.58
N LEU C 63 28.09 -8.19 -10.17
CA LEU C 63 29.23 -7.47 -10.72
C LEU C 63 30.06 -6.73 -9.64
N MET C 64 29.41 -6.32 -8.56
CA MET C 64 30.00 -5.41 -7.59
C MET C 64 30.17 -6.02 -6.20
N ASP C 65 29.99 -7.35 -6.13
CA ASP C 65 30.21 -8.11 -4.88
C ASP C 65 31.59 -8.77 -4.90
N THR C 66 32.58 -8.05 -4.38
CA THR C 66 33.98 -8.46 -4.43
C THR C 66 34.37 -9.62 -3.49
N ASP C 67 33.70 -9.75 -2.34
CA ASP C 67 34.15 -10.69 -1.30
C ASP C 67 33.53 -12.11 -1.38
N GLY C 68 32.66 -12.34 -2.37
CA GLY C 68 32.03 -13.65 -2.57
C GLY C 68 30.85 -13.94 -1.65
N SER C 69 30.42 -12.92 -0.90
CA SER C 69 29.38 -13.09 0.13
C SER C 69 27.95 -12.96 -0.40
N GLY C 70 27.76 -12.68 -1.69
CA GLY C 70 26.41 -12.66 -2.29
C GLY C 70 25.56 -11.41 -2.16
N LYS C 71 25.90 -10.52 -1.23
CA LYS C 71 25.22 -9.23 -1.10
C LYS C 71 26.21 -8.08 -0.94
N LEU C 72 25.75 -6.86 -1.17
CA LEU C 72 26.60 -5.67 -1.08
C LEU C 72 26.69 -5.18 0.37
N ASN C 73 27.91 -5.11 0.87
CA ASN C 73 28.18 -4.37 2.10
C ASN C 73 28.45 -2.95 1.67
N LEU C 74 28.34 -2.02 2.60
CA LEU C 74 28.30 -0.60 2.21
C LEU C 74 29.55 -0.09 1.45
N GLN C 75 30.70 -0.72 1.63
CA GLN C 75 31.89 -0.38 0.82
C GLN C 75 31.85 -0.95 -0.61
N GLU C 76 31.18 -2.09 -0.80
CA GLU C 76 30.88 -2.56 -2.15
C GLU C 76 29.85 -1.60 -2.77
N PHE C 77 28.88 -1.21 -1.95
CA PHE C 77 27.74 -0.40 -2.37
C PHE C 77 28.13 1.03 -2.68
N HIS C 78 28.78 1.68 -1.72
CA HIS C 78 29.09 3.09 -1.89
C HIS C 78 29.98 3.38 -3.10
N HIS C 79 30.93 2.49 -3.40
CA HIS C 79 31.67 2.57 -4.66
C HIS C 79 30.64 2.60 -5.80
N LEU C 80 29.77 1.59 -5.82
CA LEU C 80 28.73 1.46 -6.84
C LEU C 80 27.82 2.67 -6.84
N TRP C 81 27.44 3.15 -5.68
CA TRP C 81 26.59 4.31 -5.59
C TRP C 81 27.24 5.55 -6.20
N ASN C 82 28.53 5.78 -5.90
CA ASN C 82 29.25 6.94 -6.45
C ASN C 82 29.50 6.84 -7.95
N LYS C 83 29.71 5.63 -8.44
CA LYS C 83 29.82 5.43 -9.87
C LYS C 83 28.51 5.75 -10.51
N ILE C 84 27.43 5.28 -9.94
CA ILE C 84 26.11 5.54 -10.52
C ILE C 84 25.82 7.04 -10.50
N LYS C 85 26.31 7.75 -9.49
CA LYS C 85 26.07 9.17 -9.37
C LYS C 85 26.87 9.97 -10.39
N ALA C 86 28.05 9.46 -10.73
CA ALA C 86 28.90 10.12 -11.71
C ALA C 86 28.42 9.84 -13.12
N TRP C 87 28.02 8.59 -13.33
CA TRP C 87 27.49 8.14 -14.60
C TRP C 87 26.19 8.85 -14.88
N GLN C 88 25.40 9.08 -13.83
CA GLN C 88 24.17 9.81 -14.00
C GLN C 88 24.42 11.24 -14.53
N LYS C 89 25.45 11.92 -14.03
CA LYS C 89 25.79 13.27 -14.52
C LYS C 89 26.15 13.23 -15.99
N ILE C 90 26.88 12.20 -16.40
CA ILE C 90 27.23 12.08 -17.81
C ILE C 90 25.98 11.83 -18.64
N PHE C 91 25.18 10.86 -18.25
CA PHE C 91 23.93 10.65 -18.93
C PHE C 91 23.14 11.95 -19.06
N LYS C 92 22.97 12.67 -17.95
CA LYS C 92 22.20 13.94 -18.00
C LYS C 92 22.81 14.99 -18.97
N HIS C 93 24.13 15.02 -19.06
CA HIS C 93 24.83 15.99 -19.92
C HIS C 93 24.36 15.87 -21.36
N TYR C 94 24.16 14.63 -21.82
CA TYR C 94 23.66 14.33 -23.17
C TYR C 94 22.14 14.30 -23.35
N ASP C 95 21.37 13.90 -22.33
CA ASP C 95 19.89 13.98 -22.38
C ASP C 95 19.37 15.34 -21.92
N THR C 96 19.73 16.37 -22.66
CA THR C 96 19.25 17.72 -22.44
C THR C 96 18.05 17.93 -23.30
N ASP C 97 16.96 17.30 -22.91
CA ASP C 97 15.85 16.96 -23.80
C ASP C 97 15.06 15.86 -23.11
N GLN C 98 15.65 15.25 -22.11
CA GLN C 98 14.93 14.53 -21.09
C GLN C 98 13.91 13.58 -21.70
N SER C 99 14.36 12.82 -22.70
CA SER C 99 13.57 11.75 -23.28
C SER C 99 13.76 10.51 -22.45
N GLY C 100 14.77 10.55 -21.57
CA GLY C 100 15.17 9.39 -20.80
C GLY C 100 16.07 8.52 -21.63
N THR C 101 16.55 9.04 -22.75
CA THR C 101 17.30 8.22 -23.66
C THR C 101 18.42 9.08 -24.26
N ILE C 102 19.53 8.43 -24.59
CA ILE C 102 20.55 9.11 -25.38
C ILE C 102 20.79 8.26 -26.60
N ASN C 103 21.43 8.84 -27.63
CA ASN C 103 21.64 8.14 -28.91
C ASN C 103 22.99 7.45 -28.95
N SER C 104 23.21 6.60 -29.93
CA SER C 104 24.42 5.83 -30.08
C SER C 104 25.71 6.63 -30.12
N TYR C 105 25.67 7.81 -30.75
CA TYR C 105 26.83 8.66 -30.79
C TYR C 105 27.12 9.15 -29.37
N GLU C 106 26.07 9.56 -28.66
CA GLU C 106 26.27 10.19 -27.38
C GLU C 106 26.71 9.16 -26.33
N MET C 107 26.15 7.97 -26.43
CA MET C 107 26.49 6.85 -25.58
C MET C 107 27.98 6.58 -25.72
N ARG C 108 28.44 6.56 -26.96
CA ARG C 108 29.84 6.33 -27.23
C ARG C 108 30.71 7.43 -26.68
N ASN C 109 30.29 8.68 -26.77
CA ASN C 109 31.06 9.70 -26.05
C ASN C 109 31.03 9.53 -24.55
N ALA C 110 29.92 9.01 -24.04
CA ALA C 110 29.70 8.76 -22.59
C ALA C 110 30.52 7.63 -22.02
N VAL C 111 30.69 6.58 -22.79
CA VAL C 111 31.60 5.52 -22.39
C VAL C 111 33.00 6.12 -22.24
N ASN C 112 33.41 6.96 -23.20
CA ASN C 112 34.73 7.51 -23.17
C ASN C 112 34.84 8.50 -22.04
N ASP C 113 33.83 9.33 -21.85
CA ASP C 113 33.84 10.30 -20.76
C ASP C 113 33.97 9.70 -19.37
N ALA C 114 33.53 8.45 -19.20
CA ALA C 114 33.58 7.77 -17.94
C ALA C 114 34.90 7.03 -17.74
N GLY C 115 35.85 7.16 -18.66
CA GLY C 115 37.16 6.51 -18.47
C GLY C 115 37.31 5.15 -19.17
N PHE C 116 36.40 4.78 -20.05
CA PHE C 116 36.56 3.54 -20.81
C PHE C 116 37.06 3.83 -22.20
N HIS C 117 38.35 3.68 -22.38
CA HIS C 117 38.97 4.06 -23.61
C HIS C 117 39.25 2.80 -24.42
N LEU C 118 38.58 2.71 -25.55
CA LEU C 118 38.50 1.46 -26.27
C LEU C 118 38.93 1.66 -27.69
N ASN C 119 39.11 0.55 -28.38
CA ASN C 119 39.23 0.62 -29.82
C ASN C 119 37.85 0.95 -30.39
N ASN C 120 37.82 1.56 -31.56
CA ASN C 120 36.57 2.15 -32.12
C ASN C 120 35.39 1.22 -32.30
N GLN C 121 35.70 0.04 -32.78
CA GLN C 121 34.77 -1.05 -33.00
C GLN C 121 34.05 -1.45 -31.74
N LEU C 122 34.71 -1.40 -30.61
CA LEU C 122 34.06 -1.83 -29.37
C LEU C 122 32.88 -0.97 -28.95
N TYR C 123 33.04 0.35 -29.04
CA TYR C 123 31.95 1.27 -28.75
C TYR C 123 30.77 0.94 -29.62
N ASP C 124 31.04 0.65 -30.89
CA ASP C 124 29.97 0.37 -31.85
C ASP C 124 29.21 -0.88 -31.45
N ILE C 125 29.97 -1.88 -30.97
CA ILE C 125 29.41 -3.14 -30.51
C ILE C 125 28.60 -2.95 -29.24
N ILE C 126 29.14 -2.22 -28.27
CA ILE C 126 28.41 -1.97 -27.04
C ILE C 126 27.05 -1.26 -27.26
N THR C 127 27.03 -0.24 -28.11
CA THR C 127 25.81 0.54 -28.32
C THR C 127 24.76 -0.32 -29.02
N MET C 128 25.20 -1.14 -29.96
CA MET C 128 24.33 -2.11 -30.56
C MET C 128 23.72 -3.06 -29.47
N ARG C 129 24.57 -3.68 -28.66
CA ARG C 129 24.11 -4.67 -27.70
C ARG C 129 23.16 -4.10 -26.65
N TYR C 130 23.25 -2.80 -26.37
CA TYR C 130 22.46 -2.17 -25.32
C TYR C 130 21.41 -1.20 -25.85
N ALA C 131 21.32 -1.01 -27.16
CA ALA C 131 20.38 -0.02 -27.70
C ALA C 131 19.07 -0.66 -28.14
N ASP C 132 18.03 0.16 -28.21
CA ASP C 132 16.72 -0.32 -28.66
C ASP C 132 16.71 -0.35 -30.19
N LYS C 133 15.57 -0.70 -30.76
CA LYS C 133 15.40 -0.75 -32.22
C LYS C 133 15.66 0.55 -32.98
N HIS C 134 15.63 1.70 -32.27
CA HIS C 134 15.96 2.99 -32.87
C HIS C 134 17.41 3.40 -32.68
N MET C 135 18.21 2.52 -32.11
CA MET C 135 19.60 2.80 -31.79
C MET C 135 19.72 3.86 -30.69
N ASN C 136 18.79 3.79 -29.74
CA ASN C 136 18.82 4.63 -28.55
C ASN C 136 18.96 3.78 -27.30
N ILE C 137 19.47 4.39 -26.24
CA ILE C 137 19.80 3.71 -25.01
C ILE C 137 19.12 4.37 -23.83
N ASP C 138 18.31 3.60 -23.11
CA ASP C 138 17.55 4.11 -21.99
C ASP C 138 18.46 4.08 -20.77
N PHE C 139 18.08 4.83 -19.75
CA PHE C 139 18.91 4.99 -18.58
C PHE C 139 19.29 3.69 -17.92
N ASP C 140 18.34 2.79 -17.70
CA ASP C 140 18.69 1.55 -17.01
C ASP C 140 19.69 0.70 -17.81
N SER C 141 19.46 0.55 -19.12
CA SER C 141 20.42 -0.14 -19.98
C SER C 141 21.77 0.55 -20.00
N PHE C 142 21.74 1.88 -19.97
CA PHE C 142 22.97 2.64 -19.92
C PHE C 142 23.76 2.27 -18.66
N ILE C 143 23.14 2.37 -17.50
CA ILE C 143 23.80 2.00 -16.23
C ILE C 143 24.20 0.53 -16.21
N CYS C 144 23.31 -0.34 -16.64
CA CYS C 144 23.63 -1.77 -16.67
C CYS C 144 24.90 -1.98 -17.44
N CYS C 145 24.98 -1.38 -18.63
CA CYS C 145 26.20 -1.47 -19.43
C CYS C 145 27.43 -0.95 -18.67
N PHE C 146 27.32 0.18 -18.00
CA PHE C 146 28.49 0.72 -17.30
C PHE C 146 28.95 -0.16 -16.15
N VAL C 147 27.98 -0.74 -15.43
CA VAL C 147 28.26 -1.63 -14.32
C VAL C 147 29.03 -2.82 -14.84
N ARG C 148 28.65 -3.26 -16.02
CA ARG C 148 29.35 -4.38 -16.60
C ARG C 148 30.77 -3.99 -16.99
N LEU C 149 30.93 -2.89 -17.70
CA LEU C 149 32.28 -2.46 -18.02
C LEU C 149 33.15 -2.25 -16.79
N GLU C 150 32.56 -1.58 -15.79
CA GLU C 150 33.24 -1.36 -14.51
C GLU C 150 33.62 -2.67 -13.82
N GLY C 151 32.65 -3.56 -13.70
CA GLY C 151 32.91 -4.87 -13.16
C GLY C 151 34.03 -5.61 -13.88
N MET C 152 33.97 -5.64 -15.19
CA MET C 152 34.99 -6.37 -15.97
C MET C 152 36.34 -5.73 -15.87
N PHE C 153 36.34 -4.42 -15.71
CA PHE C 153 37.57 -3.66 -15.68
C PHE C 153 38.28 -3.94 -14.35
N ARG C 154 37.50 -3.93 -13.27
CA ARG C 154 37.99 -4.21 -11.93
C ARG C 154 38.42 -5.68 -11.73
N ALA C 155 37.72 -6.61 -12.37
CA ALA C 155 38.11 -8.01 -12.29
C ALA C 155 39.46 -8.24 -12.95
N PHE C 156 39.69 -7.57 -14.08
CA PHE C 156 40.98 -7.66 -14.79
C PHE C 156 42.13 -7.22 -13.89
N HIS C 157 42.03 -6.07 -13.27
CA HIS C 157 43.15 -5.53 -12.49
C HIS C 157 43.30 -6.19 -11.11
N ALA C 158 42.19 -6.64 -10.55
CA ALA C 158 42.21 -7.50 -9.36
C ALA C 158 42.99 -8.81 -9.61
N PHE C 159 42.96 -9.30 -10.86
CA PHE C 159 43.68 -10.51 -11.21
C PHE C 159 45.11 -10.24 -11.57
N ASP C 160 45.41 -9.02 -12.01
CA ASP C 160 46.77 -8.70 -12.40
C ASP C 160 47.53 -8.03 -11.24
N LYS C 161 47.75 -8.80 -10.18
CA LYS C 161 48.49 -8.33 -9.01
C LYS C 161 49.97 -8.10 -9.37
N ASP C 162 50.48 -8.85 -10.35
CA ASP C 162 51.82 -8.60 -10.86
C ASP C 162 51.88 -7.26 -11.63
N GLY C 163 50.73 -6.62 -11.84
CA GLY C 163 50.68 -5.24 -12.32
C GLY C 163 51.03 -5.04 -13.78
N ASP C 164 51.30 -6.12 -14.49
CA ASP C 164 51.91 -6.10 -15.84
C ASP C 164 50.99 -5.54 -16.95
N GLY C 165 49.67 -5.62 -16.77
CA GLY C 165 48.70 -5.26 -17.80
C GLY C 165 48.33 -6.40 -18.73
N ILE C 166 48.92 -7.58 -18.53
CA ILE C 166 48.62 -8.76 -19.36
C ILE C 166 48.10 -9.87 -18.46
N ILE C 167 47.33 -10.80 -19.03
CA ILE C 167 46.63 -11.82 -18.23
C ILE C 167 46.60 -13.19 -18.89
N LYS C 168 46.45 -14.18 -18.01
CA LYS C 168 46.84 -15.57 -18.24
C LYS C 168 45.77 -16.48 -17.59
N LEU C 169 45.20 -17.42 -18.36
CA LEU C 169 43.93 -18.02 -17.98
C LEU C 169 43.67 -19.40 -18.56
N ASN C 170 43.25 -20.34 -17.68
CA ASN C 170 42.59 -21.60 -18.09
C ASN C 170 41.16 -21.29 -18.50
N VAL C 171 40.54 -22.27 -19.16
CA VAL C 171 39.12 -22.25 -19.37
C VAL C 171 38.43 -22.10 -18.03
N LEU C 172 38.97 -22.75 -17.02
CA LEU C 172 38.38 -22.76 -15.70
C LEU C 172 38.49 -21.38 -15.06
N GLU C 173 39.65 -20.74 -15.17
CA GLU C 173 39.89 -19.40 -14.58
C GLU C 173 39.10 -18.31 -15.26
N TRP C 174 39.04 -18.44 -16.58
CA TRP C 174 38.16 -17.64 -17.42
C TRP C 174 36.73 -17.68 -16.92
N LEU C 175 36.25 -18.90 -16.65
CA LEU C 175 34.89 -19.09 -16.17
C LEU C 175 34.67 -18.50 -14.80
N GLN C 176 35.63 -18.66 -13.91
CA GLN C 176 35.55 -18.03 -12.60
C GLN C 176 35.35 -16.54 -12.80
N LEU C 177 36.23 -15.92 -13.58
CA LEU C 177 36.21 -14.46 -13.81
C LEU C 177 34.99 -13.97 -14.50
N THR C 178 34.44 -14.75 -15.41
CA THR C 178 33.33 -14.25 -16.17
C THR C 178 31.98 -14.53 -15.50
N MET C 179 31.99 -15.13 -14.30
CA MET C 179 30.75 -15.35 -13.51
C MET C 179 31.00 -14.93 -12.05
CA CA D . -27.35 15.63 2.60
CA CA E . -23.73 7.64 -4.03
CA CA F . -33.34 -12.99 22.76
CA CA G . -14.62 -17.48 -10.17
OCJ PEU H . -5.36 -5.36 -14.63
CCK PEU H . -6.22 -5.50 -13.51
CCL PEU H . -7.27 -4.38 -13.36
OCM PEU H . -8.42 -4.67 -12.53
CCN PEU H . -9.76 -4.77 -13.17
CCO PEU H . -10.00 -6.19 -13.74
OCP PEU H . -10.93 -7.06 -13.04
CCQ PEU H . -12.33 -6.65 -13.16
CCR PEU H . -13.32 -6.75 -11.98
OCS PEU H . -13.29 -5.59 -11.15
CCT PEU H . -13.94 -4.40 -11.61
CCU PEU H . -14.16 -3.50 -10.40
OCV PEU H . -13.09 -3.63 -9.43
CCW PEU H . -12.77 -2.49 -8.60
CCX PEU H . -13.82 -2.26 -7.49
OCY PEU H . -13.48 -2.94 -6.27
CCZ PEU H . -14.42 -3.94 -5.84
CDA PEU H . -15.70 -3.27 -5.32
ODB PEU H . -16.80 -3.41 -6.24
CDC PEU H . -18.00 -2.76 -5.79
CDD PEU H . -19.07 -3.78 -5.43
ODE PEU H . -19.39 -3.71 -4.03
CA CA I . 4.05 0.40 25.65
CA CA J . 7.24 -4.98 16.44
CA CA K . -3.68 23.04 -1.35
CA CA L . 0.94 -17.07 -7.51
OCS PEU M . -2.37 -17.94 -4.48
CCT PEU M . -2.63 -18.25 -3.10
CCU PEU M . -2.43 -17.05 -2.16
OCV PEU M . -3.68 -16.45 -1.74
CCW PEU M . -4.29 -17.09 -0.61
CCX PEU M . -4.32 -16.18 0.62
OCY PEU M . -4.56 -17.00 1.75
CCZ PEU M . -5.16 -16.29 2.83
CDA PEU M . -5.09 -17.12 4.11
ODB PEU M . -4.08 -16.60 4.97
CDC PEU M . -4.51 -15.54 5.83
CDD PEU M . -4.97 -16.07 7.19
ODE PEU M . -6.12 -15.32 7.65
CA CA N . 29.61 -8.89 -0.49
CA CA O . 17.68 12.16 -25.43
CA CA P . 49.96 -10.25 -15.63
#